data_6K2L
#
_entry.id   6K2L
#
_cell.length_a   130.402
_cell.length_b   149.991
_cell.length_c   55.896
_cell.angle_alpha   90.00
_cell.angle_beta   90.00
_cell.angle_gamma   90.00
#
_symmetry.space_group_name_H-M   'C 2 2 21'
#
loop_
_entity.id
_entity.type
_entity.pdbx_description
1 polymer 'Siderophore-interacting protein'
2 non-polymer 'FLAVIN-ADENINE DINUCLEOTIDE'
3 water water
#
_entity_poly.entity_id   1
_entity_poly.type   'polypeptide(L)'
_entity_poly.pdbx_seq_one_letter_code
;MSQSAPVNRPRLLTVKHIQDVSPHLRRICLTSPELADYPFTCGGAHIKIMLPQPGQAHAVLPTPTPQGPRWEDPSQRPIM
RTFTIRAFRREALELDIDFALHGDGGPASRFANEVKPGDLLAISGPGGSDPMLQPASHYYMVGDLTALPAISAMAEVMPA
DARGHIALLVPYQEDVQDLSLPAGVTLRWFVGSPEETAPLVEYFTSLPLEEQQSYFWFGGEEGLVVPMRRHVRRTLEVDR
TRVYAVPYWRHGKDEEAYHHARHDVMDS
;
_entity_poly.pdbx_strand_id   A,B
#
loop_
_chem_comp.id
_chem_comp.type
_chem_comp.name
_chem_comp.formula
FAD non-polymer 'FLAVIN-ADENINE DINUCLEOTIDE' 'C27 H33 N9 O15 P2'
#
# COMPACT_ATOMS: atom_id res chain seq x y z
N PRO A 6 13.23 7.57 18.56
CA PRO A 6 12.67 8.46 17.52
C PRO A 6 12.38 7.73 16.21
N VAL A 7 11.13 7.25 16.09
CA VAL A 7 10.67 6.55 14.90
C VAL A 7 10.32 7.48 13.75
N ASN A 8 10.22 8.79 14.01
CA ASN A 8 9.97 9.77 12.97
C ASN A 8 11.16 10.72 12.78
N ARG A 9 12.32 10.38 13.33
CA ARG A 9 13.53 11.16 13.12
C ARG A 9 13.82 11.32 11.61
N PRO A 10 14.47 12.42 11.23
CA PRO A 10 14.95 12.52 9.86
C PRO A 10 16.01 11.46 9.61
N ARG A 11 15.96 10.86 8.42
CA ARG A 11 16.94 9.85 8.03
C ARG A 11 17.68 10.28 6.77
N LEU A 12 18.96 9.98 6.73
CA LEU A 12 19.78 10.23 5.56
C LEU A 12 19.84 8.94 4.75
N LEU A 13 19.31 8.97 3.53
CA LEU A 13 19.29 7.80 2.67
C LEU A 13 20.27 7.99 1.53
N THR A 14 20.63 6.87 0.92
CA THR A 14 21.52 6.84 -0.23
C THR A 14 20.75 6.38 -1.46
N VAL A 15 21.08 6.95 -2.62
CA VAL A 15 20.44 6.48 -3.84
C VAL A 15 20.99 5.12 -4.20
N LYS A 16 20.11 4.14 -4.36
CA LYS A 16 20.47 2.81 -4.81
C LYS A 16 20.47 2.73 -6.33
N HIS A 17 19.38 3.15 -6.97
CA HIS A 17 19.28 3.15 -8.42
C HIS A 17 18.20 4.10 -8.88
N ILE A 18 18.29 4.46 -10.16
CA ILE A 18 17.49 5.49 -10.79
C ILE A 18 16.86 4.87 -12.02
N GLN A 19 15.71 5.40 -12.42
CA GLN A 19 14.96 4.78 -13.50
C GLN A 19 14.02 5.84 -14.09
N ASP A 20 13.96 5.90 -15.41
CA ASP A 20 13.06 6.86 -16.05
C ASP A 20 11.82 6.09 -16.53
N VAL A 21 10.73 6.18 -15.75
CA VAL A 21 9.51 5.48 -16.12
C VAL A 21 8.88 6.16 -17.33
N SER A 22 9.19 7.41 -17.54
CA SER A 22 8.82 8.17 -18.71
C SER A 22 9.90 9.23 -18.82
N PRO A 23 9.99 9.93 -19.96
CA PRO A 23 11.10 10.90 -20.11
C PRO A 23 11.14 12.02 -19.07
N HIS A 24 10.00 12.42 -18.50
CA HIS A 24 9.97 13.47 -17.50
C HIS A 24 9.44 13.00 -16.15
N LEU A 25 9.63 11.72 -15.84
CA LEU A 25 9.26 11.20 -14.54
C LEU A 25 10.36 10.21 -14.12
N ARG A 26 11.11 10.56 -13.10
CA ARG A 26 12.32 9.82 -12.75
C ARG A 26 12.13 9.20 -11.38
N ARG A 27 12.14 7.87 -11.32
CA ARG A 27 11.94 7.11 -10.08
C ARG A 27 13.30 6.88 -9.43
N ILE A 28 13.53 7.53 -8.30
CA ILE A 28 14.78 7.40 -7.56
C ILE A 28 14.51 6.50 -6.36
N CYS A 29 15.28 5.44 -6.25
CA CYS A 29 15.08 4.45 -5.20
C CYS A 29 16.16 4.65 -4.14
N LEU A 30 15.75 4.89 -2.92
CA LEU A 30 16.62 5.27 -1.84
C LEU A 30 16.63 4.15 -0.81
N THR A 31 17.78 3.97 -0.18
CA THR A 31 17.93 2.89 0.77
C THR A 31 18.77 3.35 1.94
N SER A 32 18.53 2.72 3.09
CA SER A 32 19.26 2.88 4.34
C SER A 32 18.81 1.82 5.32
N PRO A 33 19.71 1.30 6.16
CA PRO A 33 19.29 0.45 7.28
C PRO A 33 18.40 1.19 8.26
N GLU A 34 18.43 2.51 8.28
CA GLU A 34 17.49 3.32 9.05
C GLU A 34 16.04 3.24 8.55
N LEU A 35 15.78 2.54 7.43
CA LEU A 35 14.42 2.40 6.95
C LEU A 35 13.67 1.24 7.61
N ALA A 36 14.36 0.44 8.44
CA ALA A 36 13.76 -0.76 9.01
C ALA A 36 12.59 -0.44 9.94
N ASP A 37 12.67 0.64 10.71
CA ASP A 37 11.56 1.03 11.57
C ASP A 37 10.73 2.18 11.00
N TYR A 38 10.92 2.49 9.73
CA TYR A 38 10.17 3.59 9.12
C TYR A 38 8.69 3.23 9.07
N PRO A 39 7.79 4.14 9.47
CA PRO A 39 6.35 3.83 9.44
C PRO A 39 5.84 3.45 8.06
N PHE A 40 4.69 2.77 8.05
CA PHE A 40 4.08 2.25 6.82
C PHE A 40 3.52 3.37 5.93
N GLY A 43 -0.13 3.33 -0.07
CA GLY A 43 -0.99 4.50 -0.25
C GLY A 43 -0.33 5.79 -0.76
N GLY A 44 0.94 6.02 -0.41
CA GLY A 44 1.63 7.17 -0.93
C GLY A 44 1.46 8.43 -0.09
N ALA A 45 2.20 8.48 1.01
CA ALA A 45 2.13 9.62 1.90
C ALA A 45 3.01 10.76 1.40
N HIS A 46 2.92 11.91 2.07
CA HIS A 46 3.83 13.01 1.85
C HIS A 46 5.02 12.90 2.77
N ILE A 47 6.13 13.45 2.32
CA ILE A 47 7.32 13.65 3.12
C ILE A 47 7.91 15.01 2.76
N LYS A 48 8.77 15.49 3.64
CA LYS A 48 9.68 16.59 3.34
C LYS A 48 11.03 15.99 3.03
N ILE A 49 11.60 16.35 1.87
CA ILE A 49 13.02 16.09 1.62
C ILE A 49 13.80 17.34 2.00
N MET A 50 14.98 17.13 2.54
CA MET A 50 15.82 18.21 3.04
C MET A 50 17.05 18.24 2.15
N LEU A 51 17.21 19.31 1.44
CA LEU A 51 18.31 19.54 0.56
C LEU A 51 19.25 20.57 1.17
N PRO A 52 20.53 20.51 0.83
CA PRO A 52 21.47 21.55 1.25
C PRO A 52 21.09 22.92 0.70
N GLN A 53 21.48 23.95 1.45
CA GLN A 53 21.42 25.33 0.98
C GLN A 53 22.51 25.57 -0.06
N PRO A 54 22.44 26.71 -0.76
CA PRO A 54 23.53 27.06 -1.68
C PRO A 54 24.92 26.95 -1.09
N GLY A 55 25.12 27.40 0.15
CA GLY A 55 26.47 27.29 0.67
C GLY A 55 26.83 25.97 1.35
N GLN A 56 26.04 24.91 1.19
CA GLN A 56 26.36 23.67 1.90
C GLN A 56 26.68 22.54 0.93
N ALA A 57 27.58 21.65 1.34
CA ALA A 57 27.90 20.49 0.54
C ALA A 57 26.88 19.38 0.71
N HIS A 58 26.11 19.42 1.80
CA HIS A 58 25.15 18.38 2.14
C HIS A 58 24.18 18.97 3.15
N ALA A 59 23.04 18.31 3.31
CA ALA A 59 22.02 18.78 4.24
C ALA A 59 22.49 18.56 5.68
N VAL A 60 22.14 19.50 6.56
CA VAL A 60 22.53 19.45 7.97
C VAL A 60 21.30 19.05 8.77
N LEU A 61 21.29 17.83 9.25
CA LEU A 61 20.08 17.32 9.88
C LEU A 61 19.91 17.84 11.29
N PRO A 62 18.66 18.05 11.74
CA PRO A 62 18.33 18.57 13.06
C PRO A 62 18.42 17.50 14.17
N ASP A 73 21.54 25.36 15.73
CA ASP A 73 21.96 26.45 14.83
C ASP A 73 21.05 26.58 13.59
N PRO A 74 20.11 27.52 13.62
CA PRO A 74 19.15 27.67 12.51
C PRO A 74 19.77 28.22 11.23
N SER A 75 21.01 28.69 11.24
CA SER A 75 21.70 29.02 9.98
C SER A 75 22.02 27.79 9.14
N GLN A 76 21.79 26.59 9.65
CA GLN A 76 22.16 25.38 8.96
C GLN A 76 20.95 24.54 8.61
N ARG A 77 19.75 25.09 8.82
CA ARG A 77 18.50 24.52 8.37
C ARG A 77 18.54 24.20 6.87
N PRO A 78 18.14 23.01 6.45
CA PRO A 78 18.10 22.69 5.03
C PRO A 78 16.90 23.33 4.34
N ILE A 79 16.99 23.43 3.01
CA ILE A 79 15.83 23.77 2.20
C ILE A 79 14.91 22.56 2.15
N MET A 80 13.61 22.80 2.22
CA MET A 80 12.64 21.72 2.29
C MET A 80 11.79 21.72 1.02
N ARG A 81 11.52 20.52 0.51
CA ARG A 81 10.50 20.36 -0.52
C ARG A 81 9.58 19.21 -0.13
N THR A 82 8.32 19.30 -0.55
CA THR A 82 7.36 18.24 -0.29
C THR A 82 7.32 17.26 -1.45
N PHE A 83 7.34 15.96 -1.13
CA PHE A 83 7.30 14.93 -2.16
C PHE A 83 6.46 13.76 -1.64
N THR A 84 6.13 12.86 -2.55
CA THR A 84 5.29 11.73 -2.27
C THR A 84 6.18 10.50 -2.16
N ILE A 85 5.95 9.68 -1.14
CA ILE A 85 6.50 8.31 -1.11
C ILE A 85 5.74 7.51 -2.16
N ARG A 86 6.38 7.25 -3.31
CA ARG A 86 5.75 6.47 -4.38
C ARG A 86 5.58 5.00 -3.98
N ALA A 87 6.62 4.36 -3.45
CA ALA A 87 6.47 3.02 -2.89
C ALA A 87 7.46 2.82 -1.74
N PHE A 88 7.19 1.87 -0.86
CA PHE A 88 8.10 1.59 0.24
C PHE A 88 8.13 0.09 0.50
N ARG A 89 9.33 -0.50 0.44
CA ARG A 89 9.55 -1.94 0.65
C ARG A 89 10.43 -2.10 1.89
N ARG A 90 9.79 -2.38 3.01
CA ARG A 90 10.49 -2.46 4.29
C ARG A 90 11.57 -3.53 4.26
N GLU A 91 11.23 -4.74 3.82
CA GLU A 91 12.18 -5.85 3.81
C GLU A 91 13.42 -5.49 3.00
N ALA A 92 13.24 -4.88 1.83
CA ALA A 92 14.37 -4.52 0.98
C ALA A 92 15.08 -3.27 1.48
N LEU A 93 14.53 -2.59 2.49
CA LEU A 93 15.02 -1.30 2.97
C LEU A 93 15.07 -0.28 1.83
N GLU A 94 13.99 -0.20 1.05
CA GLU A 94 13.96 0.67 -0.12
C GLU A 94 12.75 1.59 -0.06
N LEU A 95 12.93 2.81 -0.56
CA LEU A 95 11.89 3.84 -0.59
C LEU A 95 11.99 4.56 -1.93
N ASP A 96 10.89 4.63 -2.69
CA ASP A 96 10.86 5.21 -4.03
C ASP A 96 10.24 6.61 -4.03
N ILE A 97 10.93 7.57 -4.59
CA ILE A 97 10.34 8.88 -4.84
C ILE A 97 10.42 9.17 -6.33
N ASP A 98 9.29 9.61 -6.92
CA ASP A 98 9.23 9.95 -8.36
C ASP A 98 9.26 11.46 -8.59
N PHE A 99 10.26 11.93 -9.32
CA PHE A 99 10.51 13.35 -9.58
C PHE A 99 9.96 13.75 -10.95
N ALA A 100 9.09 14.76 -10.99
CA ALA A 100 8.63 15.35 -12.26
C ALA A 100 9.76 16.26 -12.79
N LEU A 101 10.51 15.76 -13.77
CA LEU A 101 11.65 16.50 -14.34
C LEU A 101 11.18 17.78 -15.03
N HIS A 102 11.97 18.85 -14.86
CA HIS A 102 11.74 20.13 -15.51
C HIS A 102 13.06 20.87 -15.60
N GLY A 103 13.03 22.05 -16.22
CA GLY A 103 14.24 22.85 -16.37
C GLY A 103 14.12 24.28 -15.90
N ASP A 104 13.21 24.55 -14.97
CA ASP A 104 13.04 25.87 -14.40
C ASP A 104 13.87 26.07 -13.13
N GLY A 105 14.74 25.11 -12.79
CA GLY A 105 15.65 25.26 -11.66
C GLY A 105 15.01 25.02 -10.30
N GLY A 106 15.83 25.11 -9.25
CA GLY A 106 15.41 24.79 -7.89
C GLY A 106 16.21 23.62 -7.33
N PRO A 107 16.34 23.54 -6.01
CA PRO A 107 17.19 22.48 -5.43
C PRO A 107 16.73 21.07 -5.71
N ALA A 108 15.42 20.79 -5.65
CA ALA A 108 14.96 19.42 -5.91
C ALA A 108 15.17 19.03 -7.37
N SER A 109 14.93 19.98 -8.29
CA SER A 109 15.22 19.72 -9.71
C SER A 109 16.69 19.40 -9.92
N ARG A 110 17.58 20.11 -9.22
CA ARG A 110 18.99 19.81 -9.35
C ARG A 110 19.33 18.44 -8.80
N PHE A 111 18.79 18.11 -7.64
CA PHE A 111 19.04 16.78 -7.13
C PHE A 111 18.57 15.71 -8.12
N ALA A 112 17.36 15.87 -8.68
CA ALA A 112 16.84 14.86 -9.60
C ALA A 112 17.61 14.80 -10.92
N ASN A 113 18.02 15.94 -11.46
CA ASN A 113 18.78 15.95 -12.71
C ASN A 113 20.16 15.33 -12.53
N GLU A 114 20.89 15.74 -11.49
CA GLU A 114 22.25 15.27 -11.35
C GLU A 114 22.35 13.88 -10.73
N VAL A 115 21.23 13.30 -10.33
CA VAL A 115 21.25 12.18 -9.41
C VAL A 115 22.11 11.05 -9.94
N LYS A 116 22.93 10.50 -9.06
CA LYS A 116 23.77 9.33 -9.31
C LYS A 116 23.51 8.34 -8.19
N PRO A 117 23.72 7.06 -8.44
CA PRO A 117 23.76 6.12 -7.30
C PRO A 117 24.86 6.57 -6.35
N GLY A 118 24.56 6.53 -5.05
CA GLY A 118 25.50 7.02 -4.06
C GLY A 118 25.24 8.44 -3.57
N ASP A 119 24.38 9.20 -4.24
CA ASP A 119 23.94 10.49 -3.74
C ASP A 119 23.13 10.34 -2.46
N LEU A 120 23.19 11.36 -1.62
CA LEU A 120 22.47 11.41 -0.35
C LEU A 120 21.22 12.25 -0.47
N LEU A 121 20.21 11.89 0.34
CA LEU A 121 19.00 12.70 0.50
C LEU A 121 18.45 12.50 1.91
N ALA A 122 18.27 13.60 2.64
CA ALA A 122 17.61 13.53 3.94
C ALA A 122 16.10 13.57 3.73
N ILE A 123 15.37 12.76 4.50
CA ILE A 123 13.92 12.80 4.44
C ILE A 123 13.33 12.73 5.84
N SER A 124 12.20 13.40 5.99
CA SER A 124 11.37 13.42 7.19
C SER A 124 10.54 12.16 7.28
N GLY A 125 9.62 12.12 8.24
CA GLY A 125 8.66 11.05 8.33
C GLY A 125 7.42 11.42 7.55
N PRO A 126 6.44 10.51 7.48
CA PRO A 126 5.27 10.77 6.64
C PRO A 126 4.19 11.56 7.36
N GLY A 127 3.50 12.40 6.57
CA GLY A 127 2.30 13.08 7.03
C GLY A 127 1.15 12.81 6.05
N PRO A 131 -3.65 6.79 4.89
CA PRO A 131 -4.76 7.74 4.86
C PRO A 131 -5.12 8.26 3.47
N MET A 132 -4.16 8.26 2.52
CA MET A 132 -4.31 9.03 1.28
C MET A 132 -5.54 8.61 0.47
N LEU A 133 -5.61 7.33 0.10
CA LEU A 133 -6.82 6.82 -0.53
C LEU A 133 -7.86 6.56 0.55
N GLN A 134 -8.98 7.27 0.46
CA GLN A 134 -10.08 7.20 1.42
C GLN A 134 -11.13 6.21 0.91
N PRO A 135 -11.71 5.41 1.80
CA PRO A 135 -12.76 4.48 1.38
C PRO A 135 -13.95 5.20 0.74
N ALA A 136 -14.34 4.73 -0.45
CA ALA A 136 -15.44 5.30 -1.20
C ALA A 136 -15.81 4.33 -2.30
N SER A 137 -16.96 4.55 -2.90
CA SER A 137 -17.31 3.78 -4.07
C SER A 137 -17.00 4.50 -5.37
N HIS A 138 -16.99 5.83 -5.35
CA HIS A 138 -16.66 6.64 -6.51
C HIS A 138 -15.42 7.48 -6.22
N TYR A 139 -14.54 7.62 -7.20
CA TYR A 139 -13.29 8.35 -7.06
C TYR A 139 -13.09 9.30 -8.24
N TYR A 140 -12.86 10.57 -7.95
CA TYR A 140 -12.70 11.57 -8.99
C TYR A 140 -11.42 12.34 -8.71
N MET A 141 -10.42 12.18 -9.60
CA MET A 141 -9.06 12.56 -9.29
C MET A 141 -8.52 13.37 -10.45
N VAL A 142 -7.82 14.48 -10.18
CA VAL A 142 -7.18 15.26 -11.23
C VAL A 142 -5.76 15.58 -10.76
N GLY A 143 -4.81 15.59 -11.70
CA GLY A 143 -3.47 16.03 -11.36
C GLY A 143 -2.60 16.18 -12.59
N ASP A 144 -1.33 16.51 -12.33
CA ASP A 144 -0.32 16.60 -13.35
C ASP A 144 0.80 15.63 -12.96
N LEU A 145 1.96 15.73 -13.63
CA LEU A 145 3.06 14.83 -13.29
C LEU A 145 3.51 14.93 -11.83
N THR A 146 3.34 16.09 -11.17
CA THR A 146 3.72 16.14 -9.77
C THR A 146 2.77 15.36 -8.88
N ALA A 147 1.55 15.09 -9.36
CA ALA A 147 0.53 14.34 -8.64
C ALA A 147 0.42 12.90 -9.15
N LEU A 148 1.09 12.57 -10.25
CA LEU A 148 1.00 11.21 -10.77
C LEU A 148 1.59 10.16 -9.84
N PRO A 149 2.66 10.42 -9.07
CA PRO A 149 3.11 9.36 -8.16
C PRO A 149 2.11 9.03 -7.06
N ALA A 150 1.46 10.04 -6.48
CA ALA A 150 0.39 9.84 -5.49
C ALA A 150 -0.81 9.11 -6.08
N ILE A 151 -1.29 9.56 -7.24
CA ILE A 151 -2.41 8.91 -7.91
C ILE A 151 -2.05 7.46 -8.31
N SER A 152 -0.81 7.19 -8.73
CA SER A 152 -0.41 5.81 -9.02
C SER A 152 -0.42 4.95 -7.78
N ALA A 153 0.17 5.48 -6.70
CA ALA A 153 0.20 4.79 -5.42
C ALA A 153 -1.21 4.49 -4.92
N MET A 154 -2.13 5.45 -5.07
CA MET A 154 -3.50 5.25 -4.60
C MET A 154 -4.26 4.28 -5.51
N ALA A 155 -4.03 4.37 -6.82
CA ALA A 155 -4.70 3.48 -7.77
C ALA A 155 -4.34 2.03 -7.52
N GLU A 156 -3.08 1.75 -7.20
CA GLU A 156 -2.85 0.31 -7.08
C GLU A 156 -3.36 -0.31 -5.77
N VAL A 157 -4.06 0.42 -4.90
CA VAL A 157 -4.70 -0.23 -3.77
C VAL A 157 -6.21 0.05 -3.73
N MET A 158 -6.78 0.49 -4.85
CA MET A 158 -8.22 0.64 -5.00
C MET A 158 -8.88 -0.74 -5.23
N PRO A 159 -10.05 -0.97 -4.64
CA PRO A 159 -10.75 -2.24 -4.88
C PRO A 159 -11.19 -2.38 -6.32
N ALA A 160 -11.31 -3.64 -6.75
CA ALA A 160 -11.58 -3.93 -8.15
C ALA A 160 -12.91 -3.37 -8.62
N ASP A 161 -13.86 -3.15 -7.71
CA ASP A 161 -15.15 -2.57 -8.07
C ASP A 161 -15.24 -1.06 -7.86
N ALA A 162 -14.14 -0.40 -7.49
CA ALA A 162 -14.16 1.06 -7.41
C ALA A 162 -14.54 1.65 -8.76
N ARG A 163 -15.13 2.85 -8.72
CA ARG A 163 -15.57 3.54 -9.93
C ARG A 163 -15.10 4.98 -9.89
N GLY A 164 -15.09 5.60 -11.04
CA GLY A 164 -14.85 7.03 -11.07
C GLY A 164 -14.18 7.46 -12.35
N HIS A 165 -13.53 8.61 -12.27
CA HIS A 165 -12.84 9.20 -13.41
C HIS A 165 -11.56 9.86 -12.92
N ILE A 166 -10.51 9.72 -13.71
CA ILE A 166 -9.22 10.34 -13.49
C ILE A 166 -8.83 11.08 -14.76
N ALA A 167 -8.39 12.34 -14.62
CA ALA A 167 -7.84 13.09 -15.75
C ALA A 167 -6.46 13.60 -15.37
N LEU A 168 -5.47 13.44 -16.26
CA LEU A 168 -4.13 13.95 -16.00
C LEU A 168 -3.67 14.93 -17.08
N LEU A 169 -3.03 16.03 -16.66
CA LEU A 169 -2.35 16.96 -17.57
C LEU A 169 -0.83 16.72 -17.54
N VAL A 170 -0.25 16.33 -18.68
CA VAL A 170 1.19 16.12 -18.83
C VAL A 170 1.74 17.11 -19.86
N PRO A 171 3.03 17.47 -19.79
CA PRO A 171 3.58 18.45 -20.76
C PRO A 171 3.89 17.88 -22.15
N TYR A 172 4.11 16.57 -22.26
CA TYR A 172 4.44 15.95 -23.53
C TYR A 172 3.75 14.60 -23.68
N GLN A 173 3.52 14.22 -24.94
CA GLN A 173 2.87 12.95 -25.27
C GLN A 173 3.65 11.74 -24.77
N GLU A 174 4.97 11.82 -24.68
CA GLU A 174 5.76 10.67 -24.25
C GLU A 174 5.67 10.38 -22.76
N ASP A 175 5.07 11.28 -21.97
CA ASP A 175 4.93 11.08 -20.53
C ASP A 175 3.60 10.45 -20.16
N VAL A 176 2.70 10.24 -21.12
CA VAL A 176 1.57 9.36 -20.95
C VAL A 176 2.10 7.95 -20.73
N GLN A 177 1.57 7.27 -19.71
CA GLN A 177 2.09 5.98 -19.34
C GLN A 177 0.93 5.09 -18.94
N ASP A 178 1.20 3.80 -18.82
CA ASP A 178 0.19 2.89 -18.37
C ASP A 178 -0.01 3.08 -16.88
N LEU A 179 -1.27 3.13 -16.46
CA LEU A 179 -1.65 3.06 -15.06
C LEU A 179 -2.79 2.05 -15.07
N SER A 180 -2.53 0.81 -14.66
CA SER A 180 -3.65 -0.12 -14.61
C SER A 180 -4.56 0.27 -13.45
N LEU A 181 -5.85 0.40 -13.74
CA LEU A 181 -6.88 0.88 -12.85
C LEU A 181 -7.98 -0.17 -12.75
N PRO A 182 -8.85 -0.12 -11.72
CA PRO A 182 -10.09 -0.90 -11.77
C PRO A 182 -10.84 -0.61 -13.05
N ALA A 183 -11.52 -1.62 -13.59
CA ALA A 183 -12.19 -1.46 -14.88
C ALA A 183 -13.18 -0.30 -14.85
N GLY A 184 -13.81 -0.06 -13.70
CA GLY A 184 -14.77 1.03 -13.58
C GLY A 184 -14.19 2.42 -13.41
N VAL A 185 -12.88 2.59 -13.44
CA VAL A 185 -12.29 3.93 -13.33
C VAL A 185 -11.79 4.37 -14.71
N THR A 186 -12.40 5.42 -15.22
CA THR A 186 -11.95 6.11 -16.43
C THR A 186 -10.56 6.73 -16.24
N LEU A 187 -9.73 6.67 -17.27
CA LEU A 187 -8.48 7.42 -17.29
C LEU A 187 -8.35 8.20 -18.59
N ARG A 188 -8.12 9.52 -18.50
CA ARG A 188 -8.07 10.40 -19.67
C ARG A 188 -6.87 11.35 -19.59
N TRP A 189 -5.98 11.27 -20.56
CA TRP A 189 -4.76 12.06 -20.58
C TRP A 189 -4.91 13.29 -21.46
N PHE A 190 -4.45 14.42 -20.95
CA PHE A 190 -4.43 15.67 -21.69
C PHE A 190 -2.97 16.08 -21.81
N VAL A 191 -2.52 16.32 -23.04
CA VAL A 191 -1.19 16.87 -23.28
C VAL A 191 -1.32 18.39 -23.36
N GLY A 192 -0.42 19.09 -22.66
CA GLY A 192 -0.38 20.54 -22.74
C GLY A 192 0.51 21.12 -21.67
N SER A 193 0.69 22.43 -21.77
CA SER A 193 1.50 23.16 -20.82
C SER A 193 0.64 23.58 -19.64
N PRO A 194 1.24 23.88 -18.47
CA PRO A 194 0.42 24.17 -17.28
C PRO A 194 -0.54 25.32 -17.49
N GLU A 195 -0.31 26.16 -18.49
CA GLU A 195 -1.25 27.22 -18.82
C GLU A 195 -2.52 26.67 -19.42
N GLU A 196 -2.40 25.57 -20.17
CA GLU A 196 -3.47 25.07 -21.02
C GLU A 196 -4.34 24.05 -20.25
N THR A 197 -5.07 24.57 -19.25
CA THR A 197 -5.90 23.71 -18.42
C THR A 197 -7.33 23.59 -18.92
N ALA A 198 -7.77 24.52 -19.76
CA ALA A 198 -9.19 24.60 -20.10
C ALA A 198 -9.73 23.32 -20.72
N PRO A 199 -9.05 22.62 -21.65
CA PRO A 199 -9.63 21.34 -22.14
C PRO A 199 -9.90 20.35 -21.01
N LEU A 200 -8.90 20.06 -20.17
CA LEU A 200 -9.12 19.18 -19.02
C LEU A 200 -10.32 19.64 -18.19
N VAL A 201 -10.38 20.94 -17.85
CA VAL A 201 -11.41 21.41 -16.91
C VAL A 201 -12.78 21.32 -17.53
N GLU A 202 -12.93 21.75 -18.78
CA GLU A 202 -14.17 21.53 -19.51
C GLU A 202 -14.57 20.05 -19.47
N TYR A 203 -13.63 19.15 -19.78
CA TYR A 203 -13.99 17.73 -19.83
C TYR A 203 -14.45 17.22 -18.48
N PHE A 204 -13.73 17.56 -17.42
CA PHE A 204 -14.07 17.02 -16.11
C PHE A 204 -15.33 17.63 -15.55
N THR A 205 -15.62 18.89 -15.90
CA THR A 205 -16.87 19.48 -15.44
C THR A 205 -18.07 18.91 -16.21
N SER A 206 -17.86 18.43 -17.45
CA SER A 206 -18.92 17.76 -18.19
C SER A 206 -19.34 16.41 -17.60
N LEU A 207 -18.51 15.78 -16.72
CA LEU A 207 -18.88 14.43 -16.26
C LEU A 207 -19.90 14.50 -15.13
N PRO A 208 -20.88 13.60 -15.13
CA PRO A 208 -21.78 13.48 -13.98
C PRO A 208 -21.05 12.90 -12.77
N LEU A 209 -21.18 13.58 -11.63
CA LEU A 209 -20.47 13.22 -10.42
C LEU A 209 -21.45 12.75 -9.36
N GLU A 210 -21.08 11.68 -8.66
CA GLU A 210 -21.82 11.25 -7.48
C GLU A 210 -21.42 12.09 -6.28
N GLU A 211 -22.41 12.63 -5.58
CA GLU A 211 -22.11 13.40 -4.39
C GLU A 211 -22.13 12.55 -3.12
N GLN A 212 -22.67 11.34 -3.19
CA GLN A 212 -22.71 10.47 -2.01
C GLN A 212 -21.71 9.34 -2.19
N GLN A 213 -21.08 8.95 -1.08
CA GLN A 213 -20.10 7.87 -1.06
C GLN A 213 -19.03 8.05 -2.12
N SER A 214 -18.44 9.26 -2.16
CA SER A 214 -17.42 9.55 -3.14
C SER A 214 -16.28 10.32 -2.49
N TYR A 215 -15.12 10.26 -3.15
CA TYR A 215 -13.91 10.94 -2.71
C TYR A 215 -13.34 11.70 -3.90
N PHE A 216 -13.13 13.00 -3.73
CA PHE A 216 -12.56 13.87 -4.74
C PHE A 216 -11.14 14.23 -4.36
N TRP A 217 -10.20 14.01 -5.27
CA TRP A 217 -8.78 14.21 -5.02
C TRP A 217 -8.24 15.09 -6.14
N PHE A 218 -7.85 16.32 -5.79
CA PHE A 218 -7.29 17.30 -6.70
C PHE A 218 -5.89 17.67 -6.20
N GLY A 219 -4.87 17.38 -7.00
CA GLY A 219 -3.50 17.73 -6.67
C GLY A 219 -2.77 18.21 -7.92
N GLY A 220 -1.49 18.51 -7.76
CA GLY A 220 -0.77 19.07 -8.88
C GLY A 220 -0.80 20.58 -8.92
N GLU A 221 -0.61 21.18 -10.08
CA GLU A 221 -0.47 22.62 -10.23
C GLU A 221 -1.76 23.37 -9.86
N GLU A 222 -1.59 24.61 -9.39
CA GLU A 222 -2.69 25.36 -8.77
C GLU A 222 -3.89 25.52 -9.69
N GLY A 223 -3.63 25.76 -11.00
CA GLY A 223 -4.64 25.94 -12.02
C GLY A 223 -5.44 24.71 -12.40
N LEU A 224 -5.15 23.56 -11.80
CA LEU A 224 -6.04 22.41 -11.83
C LEU A 224 -6.82 22.27 -10.53
N VAL A 225 -6.15 22.45 -9.39
CA VAL A 225 -6.79 22.16 -8.11
C VAL A 225 -7.92 23.15 -7.85
N VAL A 226 -7.68 24.42 -8.11
CA VAL A 226 -8.63 25.44 -7.68
C VAL A 226 -9.93 25.43 -8.51
N PRO A 227 -9.87 25.45 -9.84
CA PRO A 227 -11.13 25.36 -10.59
C PRO A 227 -11.92 24.12 -10.27
N MET A 228 -11.27 22.97 -10.06
CA MET A 228 -12.01 21.75 -9.75
C MET A 228 -12.67 21.80 -8.38
N ARG A 229 -11.95 22.28 -7.36
CA ARG A 229 -12.57 22.42 -6.05
C ARG A 229 -13.76 23.35 -6.11
N ARG A 230 -13.64 24.42 -6.88
CA ARG A 230 -14.79 25.32 -6.96
C ARG A 230 -15.96 24.67 -7.69
N HIS A 231 -15.70 23.95 -8.77
CA HIS A 231 -16.78 23.23 -9.44
C HIS A 231 -17.51 22.32 -8.47
N VAL A 232 -16.76 21.55 -7.67
CA VAL A 232 -17.40 20.69 -6.67
C VAL A 232 -18.17 21.50 -5.63
N ARG A 233 -17.68 22.67 -5.26
CA ARG A 233 -18.43 23.47 -4.31
C ARG A 233 -19.67 24.12 -4.92
N ARG A 234 -19.71 24.33 -6.23
CA ARG A 234 -20.87 24.98 -6.83
C ARG A 234 -21.96 24.00 -7.26
N THR A 235 -21.61 22.89 -7.91
CA THR A 235 -22.66 22.05 -8.48
C THR A 235 -23.08 20.88 -7.60
N LEU A 236 -22.47 20.71 -6.43
CA LEU A 236 -22.78 19.59 -5.57
C LEU A 236 -22.53 20.03 -4.13
N GLU A 237 -23.00 19.23 -3.18
CA GLU A 237 -22.65 19.44 -1.79
C GLU A 237 -21.93 18.20 -1.23
N VAL A 238 -20.61 18.33 -1.11
CA VAL A 238 -19.76 17.28 -0.57
C VAL A 238 -19.08 17.83 0.67
N ASP A 239 -19.06 17.05 1.74
CA ASP A 239 -18.37 17.52 2.92
C ASP A 239 -16.87 17.65 2.66
N ARG A 240 -16.26 18.59 3.39
CA ARG A 240 -14.84 18.92 3.23
C ARG A 240 -13.95 17.71 3.48
N THR A 241 -14.39 16.77 4.30
CA THR A 241 -13.57 15.60 4.58
C THR A 241 -13.47 14.64 3.38
N ARG A 242 -14.35 14.77 2.39
CA ARG A 242 -14.31 13.90 1.23
C ARG A 242 -13.81 14.61 -0.02
N VAL A 243 -13.15 15.75 0.15
CA VAL A 243 -12.51 16.47 -0.93
C VAL A 243 -11.07 16.75 -0.50
N TYR A 244 -10.12 16.26 -1.28
CA TYR A 244 -8.72 16.61 -1.14
C TYR A 244 -8.40 17.62 -2.25
N ALA A 245 -7.95 18.81 -1.87
CA ALA A 245 -7.61 19.86 -2.84
C ALA A 245 -6.35 20.55 -2.34
N VAL A 246 -5.21 20.08 -2.81
CA VAL A 246 -3.90 20.56 -2.37
C VAL A 246 -3.13 20.95 -3.62
N PRO A 247 -2.81 22.23 -3.83
CA PRO A 247 -1.97 22.59 -4.99
C PRO A 247 -0.53 22.21 -4.70
N TYR A 248 0.04 21.38 -5.57
CA TYR A 248 1.39 20.87 -5.33
C TYR A 248 2.45 21.92 -5.67
N TRP A 249 2.15 22.82 -6.61
CA TRP A 249 3.05 23.90 -7.01
C TRP A 249 2.26 24.92 -7.82
N ARG A 250 2.94 25.97 -8.25
CA ARG A 250 2.30 27.05 -8.99
C ARG A 250 3.26 27.50 -10.08
N HIS A 251 2.81 27.41 -11.33
CA HIS A 251 3.58 27.82 -12.50
C HIS A 251 4.22 29.19 -12.28
N GLY A 252 5.56 29.23 -12.38
CA GLY A 252 6.32 30.46 -12.28
C GLY A 252 6.73 30.87 -10.88
N LYS A 253 6.43 30.08 -9.85
CA LYS A 253 6.76 30.44 -8.49
C LYS A 253 7.53 29.28 -7.87
N ASP A 254 8.68 29.60 -7.26
CA ASP A 254 9.36 28.58 -6.50
C ASP A 254 8.63 28.33 -5.17
N GLU A 255 9.02 27.25 -4.50
CA GLU A 255 8.41 26.88 -3.22
C GLU A 255 8.54 28.00 -2.18
N GLU A 256 9.63 28.78 -2.26
CA GLU A 256 9.85 29.84 -1.27
C GLU A 256 8.80 30.93 -1.40
N ALA A 257 8.47 31.30 -2.64
CA ALA A 257 7.44 32.29 -2.86
C ALA A 257 6.04 31.72 -2.64
N TYR A 258 5.88 30.40 -2.78
CA TYR A 258 4.55 29.82 -2.79
C TYR A 258 4.09 29.24 -1.47
N HIS A 259 5.00 29.02 -0.51
CA HIS A 259 4.64 28.21 0.65
C HIS A 259 3.39 28.75 1.34
N HIS A 260 3.37 30.05 1.61
CA HIS A 260 2.25 30.59 2.35
C HIS A 260 1.03 30.90 1.48
N ALA A 261 1.23 31.20 0.20
CA ALA A 261 0.10 31.19 -0.72
C ALA A 261 -0.60 29.82 -0.70
N ARG A 262 0.18 28.73 -0.68
CA ARG A 262 -0.44 27.40 -0.70
C ARG A 262 -1.22 27.15 0.57
N HIS A 263 -0.65 27.54 1.70
CA HIS A 263 -1.41 27.50 2.95
C HIS A 263 -2.72 28.28 2.82
N ASP A 264 -2.69 29.48 2.22
CA ASP A 264 -3.92 30.27 2.17
C ASP A 264 -4.92 29.71 1.15
N VAL A 265 -4.45 28.94 0.15
CA VAL A 265 -5.36 28.23 -0.73
C VAL A 265 -6.05 27.09 0.02
N MET A 266 -5.27 26.29 0.76
CA MET A 266 -5.84 25.13 1.45
C MET A 266 -6.77 25.53 2.59
N ASP A 267 -6.47 26.59 3.35
CA ASP A 267 -7.40 26.98 4.40
C ASP A 267 -8.54 27.84 3.90
N SER A 268 -8.60 28.14 2.60
CA SER A 268 -9.75 28.82 1.97
C SER A 268 -10.85 27.83 1.49
N PRO B 6 1.89 6.32 21.55
CA PRO B 6 2.33 4.98 21.17
C PRO B 6 1.37 4.36 20.15
N VAL B 7 1.70 4.47 18.86
CA VAL B 7 0.78 4.06 17.80
C VAL B 7 0.88 2.57 17.47
N ASN B 8 1.94 1.89 17.90
CA ASN B 8 2.09 0.46 17.70
C ASN B 8 1.85 -0.38 18.97
N ARG B 9 1.38 0.26 20.06
CA ARG B 9 1.08 -0.42 21.31
C ARG B 9 0.11 -1.59 21.12
N PRO B 10 0.12 -2.56 22.04
CA PRO B 10 -0.96 -3.56 22.09
C PRO B 10 -2.31 -2.93 22.40
N ARG B 11 -3.37 -3.46 21.80
CA ARG B 11 -4.73 -2.95 22.01
C ARG B 11 -5.69 -4.08 22.37
N LEU B 12 -6.57 -3.80 23.35
CA LEU B 12 -7.65 -4.70 23.72
C LEU B 12 -8.89 -4.39 22.88
N LEU B 13 -9.33 -5.35 22.07
CA LEU B 13 -10.46 -5.14 21.18
C LEU B 13 -11.58 -6.11 21.49
N THR B 14 -12.78 -5.75 21.07
CA THR B 14 -13.99 -6.49 21.33
C THR B 14 -14.45 -7.20 20.06
N VAL B 15 -14.88 -8.44 20.22
CA VAL B 15 -15.54 -9.17 19.14
C VAL B 15 -16.90 -8.55 18.87
N LYS B 16 -17.03 -7.94 17.70
CA LYS B 16 -18.27 -7.37 17.21
C LYS B 16 -19.19 -8.45 16.66
N HIS B 17 -18.73 -9.23 15.67
CA HIS B 17 -19.53 -10.33 15.15
C HIS B 17 -18.60 -11.40 14.58
N ILE B 18 -19.16 -12.61 14.40
CA ILE B 18 -18.41 -13.75 13.91
C ILE B 18 -19.14 -14.32 12.69
N GLN B 19 -18.37 -14.94 11.79
CA GLN B 19 -18.91 -15.46 10.54
C GLN B 19 -18.01 -16.60 10.03
N ASP B 20 -18.63 -17.65 9.51
CA ASP B 20 -17.88 -18.79 8.96
C ASP B 20 -17.97 -18.76 7.44
N VAL B 21 -17.10 -17.95 6.83
CA VAL B 21 -17.04 -17.86 5.38
C VAL B 21 -16.91 -19.24 4.75
N SER B 22 -16.27 -20.15 5.47
CA SER B 22 -15.99 -21.50 5.04
C SER B 22 -16.22 -22.41 6.24
N PRO B 23 -16.33 -23.72 6.03
CA PRO B 23 -16.52 -24.62 7.18
C PRO B 23 -15.38 -24.56 8.20
N HIS B 24 -14.13 -24.44 7.74
CA HIS B 24 -12.98 -24.32 8.62
C HIS B 24 -12.26 -22.98 8.45
N LEU B 25 -13.02 -21.91 8.22
CA LEU B 25 -12.46 -20.55 8.14
C LEU B 25 -13.46 -19.59 8.77
N ARG B 26 -13.12 -19.09 9.95
CA ARG B 26 -14.04 -18.25 10.71
C ARG B 26 -13.55 -16.81 10.76
N ARG B 27 -14.36 -15.88 10.27
CA ARG B 27 -13.99 -14.47 10.25
C ARG B 27 -14.53 -13.78 11.50
N ILE B 28 -13.63 -13.34 12.36
CA ILE B 28 -13.98 -12.63 13.59
C ILE B 28 -13.73 -11.14 13.39
N CYS B 29 -14.77 -10.34 13.56
CA CYS B 29 -14.61 -8.91 13.41
C CYS B 29 -14.39 -8.29 14.79
N LEU B 30 -13.43 -7.38 14.88
CA LEU B 30 -13.00 -6.80 16.12
C LEU B 30 -13.11 -5.28 16.03
N THR B 31 -13.39 -4.65 17.15
CA THR B 31 -13.66 -3.23 17.17
C THR B 31 -13.18 -2.63 18.48
N SER B 32 -12.91 -1.35 18.43
CA SER B 32 -12.51 -0.55 19.58
C SER B 32 -12.26 0.88 19.12
N PRO B 33 -12.62 1.88 19.93
CA PRO B 33 -12.21 3.24 19.59
C PRO B 33 -10.72 3.39 19.41
N GLU B 34 -9.91 2.49 19.98
CA GLU B 34 -8.46 2.55 19.87
C GLU B 34 -7.96 2.14 18.49
N LEU B 35 -8.83 1.70 17.58
CA LEU B 35 -8.41 1.44 16.20
C LEU B 35 -8.22 2.72 15.39
N ALA B 36 -8.60 3.87 15.94
CA ALA B 36 -8.62 5.09 15.14
C ALA B 36 -7.22 5.47 14.69
N ASP B 37 -6.21 5.25 15.54
CA ASP B 37 -4.83 5.55 15.22
C ASP B 37 -4.01 4.30 14.96
N TYR B 38 -4.66 3.19 14.62
CA TYR B 38 -3.93 1.99 14.28
C TYR B 38 -3.10 2.23 13.01
N PRO B 39 -1.84 1.81 12.98
CA PRO B 39 -0.95 2.00 11.81
C PRO B 39 -1.58 1.50 10.53
N GLY B 43 -3.86 -4.13 2.84
CA GLY B 43 -2.47 -4.44 2.49
C GLY B 43 -2.08 -5.88 2.83
N GLY B 44 -2.59 -6.36 3.97
CA GLY B 44 -2.30 -7.71 4.46
C GLY B 44 -1.01 -7.86 5.27
N ALA B 45 -0.96 -7.24 6.46
CA ALA B 45 0.12 -7.42 7.43
C ALA B 45 -0.18 -8.58 8.39
N HIS B 46 0.83 -8.98 9.16
CA HIS B 46 0.62 -9.97 10.20
C HIS B 46 0.76 -9.30 11.57
N ILE B 47 -0.04 -9.79 12.51
CA ILE B 47 -0.02 -9.34 13.89
C ILE B 47 0.24 -10.55 14.77
N LYS B 48 0.54 -10.28 16.04
CA LYS B 48 0.45 -11.29 17.08
C LYS B 48 -0.84 -11.05 17.87
N ILE B 49 -1.72 -12.07 17.93
CA ILE B 49 -2.79 -12.05 18.92
C ILE B 49 -2.24 -12.51 20.26
N MET B 50 -2.73 -11.89 21.33
CA MET B 50 -2.27 -12.15 22.69
C MET B 50 -3.44 -12.72 23.49
N LEU B 51 -3.31 -13.97 23.91
CA LEU B 51 -4.34 -14.70 24.63
C LEU B 51 -3.96 -14.91 26.10
N PRO B 52 -4.94 -14.95 27.00
CA PRO B 52 -4.64 -15.22 28.41
C PRO B 52 -4.09 -16.63 28.62
N GLN B 53 -3.13 -16.74 29.54
CA GLN B 53 -2.69 -18.04 29.99
C GLN B 53 -3.83 -18.78 30.68
N PRO B 54 -3.75 -20.12 30.75
CA PRO B 54 -4.73 -20.88 31.56
C PRO B 54 -4.78 -20.39 33.01
N GLY B 55 -5.99 -20.04 33.45
CA GLY B 55 -6.22 -19.43 34.74
C GLY B 55 -6.47 -17.93 34.71
N GLN B 56 -6.04 -17.21 33.69
CA GLN B 56 -6.27 -15.77 33.64
C GLN B 56 -7.62 -15.46 33.05
N ALA B 57 -8.21 -14.37 33.55
CA ALA B 57 -9.46 -13.86 33.03
C ALA B 57 -9.26 -13.18 31.67
N HIS B 58 -8.08 -12.59 31.44
CA HIS B 58 -7.84 -11.80 30.25
C HIS B 58 -6.32 -11.65 30.09
N ALA B 59 -5.90 -11.27 28.88
CA ALA B 59 -4.46 -11.09 28.67
C ALA B 59 -3.94 -9.93 29.50
N VAL B 60 -2.77 -10.11 30.08
CA VAL B 60 -2.13 -9.08 30.89
C VAL B 60 -1.07 -8.43 30.03
N LEU B 61 -1.37 -7.25 29.52
CA LEU B 61 -0.50 -6.45 28.69
C LEU B 61 0.41 -5.58 29.54
N PRO B 62 1.61 -5.25 29.03
CA PRO B 62 2.52 -4.32 29.70
C PRO B 62 2.23 -2.87 29.33
N PRO B 74 6.54 -10.33 35.14
CA PRO B 74 6.59 -10.61 33.71
C PRO B 74 6.27 -12.08 33.43
N SER B 75 5.98 -12.84 34.47
CA SER B 75 5.54 -14.21 34.24
C SER B 75 4.04 -14.30 33.92
N GLN B 76 3.34 -13.16 33.91
CA GLN B 76 1.94 -13.08 33.55
C GLN B 76 1.72 -12.76 32.09
N ARG B 77 2.79 -12.68 31.31
CA ARG B 77 2.71 -12.32 29.90
C ARG B 77 1.79 -13.28 29.15
N PRO B 78 1.12 -12.80 28.11
CA PRO B 78 0.13 -13.65 27.41
C PRO B 78 0.81 -14.65 26.48
N ILE B 79 0.02 -15.64 26.02
CA ILE B 79 0.46 -16.54 24.96
C ILE B 79 0.23 -15.85 23.62
N MET B 80 1.22 -15.92 22.74
CA MET B 80 1.16 -15.18 21.50
C MET B 80 1.10 -16.11 20.31
N ARG B 81 0.31 -15.72 19.32
CA ARG B 81 0.29 -16.42 18.03
C ARG B 81 0.30 -15.41 16.90
N THR B 82 0.88 -15.77 15.76
CA THR B 82 0.92 -14.86 14.63
C THR B 82 -0.28 -15.13 13.72
N PHE B 83 -0.90 -14.06 13.23
CA PHE B 83 -2.09 -14.12 12.38
C PHE B 83 -2.03 -13.04 11.32
N THR B 84 -3.00 -13.07 10.43
CA THR B 84 -3.07 -12.14 9.30
C THR B 84 -4.21 -11.15 9.52
N ILE B 85 -3.94 -9.87 9.29
CA ILE B 85 -4.99 -8.87 9.24
C ILE B 85 -5.73 -9.07 7.93
N ARG B 86 -6.91 -9.70 7.99
CA ARG B 86 -7.68 -9.97 6.79
C ARG B 86 -8.19 -8.69 6.14
N ALA B 87 -8.72 -7.76 6.93
CA ALA B 87 -9.24 -6.50 6.43
C ALA B 87 -9.21 -5.49 7.56
N PHE B 88 -9.10 -4.21 7.21
CA PHE B 88 -9.08 -3.15 8.23
C PHE B 88 -9.83 -1.95 7.68
N ARG B 89 -10.94 -1.62 8.34
CA ARG B 89 -11.81 -0.50 7.99
C ARG B 89 -11.71 0.52 9.12
N ARG B 90 -10.89 1.56 8.91
CA ARG B 90 -10.67 2.56 9.94
C ARG B 90 -11.94 3.33 10.26
N GLU B 91 -12.69 3.73 9.24
CA GLU B 91 -13.86 4.57 9.48
C GLU B 91 -14.90 3.83 10.31
N ALA B 92 -15.08 2.54 10.03
CA ALA B 92 -16.00 1.72 10.82
C ALA B 92 -15.39 1.17 12.10
N LEU B 93 -14.14 1.53 12.43
CA LEU B 93 -13.41 0.98 13.57
C LEU B 93 -13.47 -0.56 13.63
N GLU B 94 -13.10 -1.21 12.51
CA GLU B 94 -13.26 -2.65 12.40
C GLU B 94 -12.02 -3.32 11.84
N LEU B 95 -11.67 -4.47 12.41
CA LEU B 95 -10.54 -5.26 11.98
C LEU B 95 -10.94 -6.73 11.90
N ASP B 96 -10.65 -7.40 10.78
CA ASP B 96 -11.11 -8.76 10.52
C ASP B 96 -9.95 -9.74 10.61
N ILE B 97 -10.17 -10.87 11.26
CA ILE B 97 -9.16 -11.93 11.34
C ILE B 97 -9.84 -13.24 11.01
N ASP B 98 -9.26 -14.00 10.10
CA ASP B 98 -9.78 -15.31 9.71
C ASP B 98 -8.98 -16.40 10.40
N PHE B 99 -9.69 -17.33 11.02
CA PHE B 99 -9.09 -18.40 11.80
C PHE B 99 -9.27 -19.71 11.06
N ALA B 100 -8.14 -20.38 10.80
CA ALA B 100 -8.14 -21.68 10.13
C ALA B 100 -8.43 -22.75 11.17
N LEU B 101 -9.67 -23.26 11.17
CA LEU B 101 -10.15 -24.11 12.24
C LEU B 101 -9.47 -25.49 12.23
N HIS B 102 -8.98 -25.90 13.40
CA HIS B 102 -8.36 -27.21 13.58
C HIS B 102 -8.45 -27.62 15.05
N GLY B 106 -4.38 -26.31 20.27
CA GLY B 106 -3.69 -25.07 20.61
C GLY B 106 -4.57 -23.96 21.18
N PRO B 107 -3.94 -22.98 21.85
CA PRO B 107 -4.70 -21.86 22.44
C PRO B 107 -5.48 -21.01 21.44
N ALA B 108 -4.89 -20.71 20.27
CA ALA B 108 -5.58 -19.93 19.25
C ALA B 108 -6.81 -20.66 18.72
N SER B 109 -6.72 -21.99 18.55
CA SER B 109 -7.85 -22.76 18.06
C SER B 109 -8.97 -22.84 19.08
N ARG B 110 -8.63 -22.90 20.36
CA ARG B 110 -9.68 -22.91 21.38
C ARG B 110 -10.32 -21.53 21.52
N PHE B 111 -9.55 -20.46 21.36
CA PHE B 111 -10.20 -19.15 21.25
C PHE B 111 -11.14 -19.11 20.04
N ALA B 112 -10.68 -19.60 18.88
CA ALA B 112 -11.50 -19.53 17.67
C ALA B 112 -12.76 -20.39 17.77
N ASN B 113 -12.70 -21.50 18.50
CA ASN B 113 -13.89 -22.34 18.65
C ASN B 113 -14.86 -21.78 19.68
N GLU B 114 -14.37 -21.37 20.86
CA GLU B 114 -15.26 -20.90 21.91
C GLU B 114 -15.68 -19.45 21.76
N VAL B 115 -15.19 -18.75 20.72
CA VAL B 115 -15.48 -17.33 20.50
C VAL B 115 -16.98 -17.05 20.61
N LYS B 116 -17.31 -15.93 21.26
CA LYS B 116 -18.64 -15.36 21.34
C LYS B 116 -18.52 -13.86 21.21
N PRO B 117 -19.55 -13.18 20.72
CA PRO B 117 -19.48 -11.72 20.67
C PRO B 117 -19.32 -11.14 22.07
N GLY B 118 -18.56 -10.03 22.16
CA GLY B 118 -18.24 -9.41 23.42
C GLY B 118 -16.91 -9.84 24.02
N ASP B 119 -16.34 -10.94 23.55
CA ASP B 119 -15.08 -11.41 24.10
C ASP B 119 -13.92 -10.46 23.77
N LEU B 120 -12.92 -10.45 24.64
CA LEU B 120 -11.74 -9.63 24.42
C LEU B 120 -10.67 -10.42 23.65
N LEU B 121 -9.97 -9.70 22.78
CA LEU B 121 -8.75 -10.21 22.18
C LEU B 121 -7.76 -9.06 22.12
N ALA B 122 -6.56 -9.31 22.64
CA ALA B 122 -5.49 -8.34 22.58
C ALA B 122 -4.70 -8.60 21.30
N ILE B 123 -4.27 -7.52 20.63
CA ILE B 123 -3.49 -7.65 19.40
C ILE B 123 -2.35 -6.64 19.39
N SER B 124 -1.29 -7.00 18.68
CA SER B 124 -0.12 -6.17 18.49
C SER B 124 -0.31 -5.24 17.30
N GLY B 125 0.68 -4.39 17.03
CA GLY B 125 0.70 -3.65 15.78
C GLY B 125 1.16 -4.52 14.64
N PRO B 126 1.11 -3.97 13.43
CA PRO B 126 1.40 -4.79 12.26
C PRO B 126 2.91 -4.85 12.03
N GLY B 127 3.35 -5.96 11.47
CA GLY B 127 4.75 -6.12 11.10
C GLY B 127 4.91 -6.63 9.68
N LEU B 133 2.00 -7.35 -0.89
CA LEU B 133 2.07 -7.72 -2.29
C LEU B 133 2.86 -6.71 -3.15
N GLN B 134 3.80 -7.22 -3.93
CA GLN B 134 4.76 -6.51 -4.76
C GLN B 134 4.21 -6.34 -6.18
N PRO B 135 4.44 -5.19 -6.81
CA PRO B 135 4.06 -5.06 -8.22
C PRO B 135 4.91 -5.99 -9.10
N ALA B 136 4.24 -6.67 -10.01
CA ALA B 136 4.89 -7.64 -10.87
C ALA B 136 3.94 -7.95 -12.02
N SER B 137 4.48 -8.58 -13.04
CA SER B 137 3.66 -9.07 -14.13
C SER B 137 3.18 -10.48 -13.88
N HIS B 138 3.92 -11.26 -13.09
CA HIS B 138 3.57 -12.66 -12.83
C HIS B 138 3.57 -12.95 -11.33
N TYR B 139 2.50 -13.59 -10.88
CA TYR B 139 2.32 -13.93 -9.48
C TYR B 139 2.17 -15.44 -9.38
N TYR B 140 3.03 -16.07 -8.59
CA TYR B 140 2.96 -17.50 -8.34
C TYR B 140 2.82 -17.71 -6.84
N MET B 141 1.69 -18.26 -6.44
CA MET B 141 1.40 -18.40 -5.02
C MET B 141 0.96 -19.82 -4.70
N VAL B 142 1.30 -20.26 -3.48
CA VAL B 142 0.93 -21.57 -2.95
C VAL B 142 0.61 -21.39 -1.47
N GLY B 143 -0.54 -21.89 -1.03
CA GLY B 143 -0.81 -21.89 0.39
C GLY B 143 -1.81 -22.94 0.82
N ASP B 144 -1.97 -23.08 2.14
CA ASP B 144 -2.99 -23.88 2.81
C ASP B 144 -4.08 -22.95 3.37
N LEU B 145 -4.88 -23.45 4.32
CA LEU B 145 -5.91 -22.60 4.91
C LEU B 145 -5.35 -21.54 5.85
N THR B 146 -4.12 -21.70 6.36
CA THR B 146 -3.56 -20.62 7.15
C THR B 146 -3.01 -19.50 6.28
N ALA B 147 -2.84 -19.74 4.97
CA ALA B 147 -2.36 -18.71 4.05
C ALA B 147 -3.47 -18.11 3.22
N LEU B 148 -4.66 -18.72 3.23
CA LEU B 148 -5.77 -18.18 2.46
C LEU B 148 -6.13 -16.73 2.81
N PRO B 149 -6.16 -16.29 4.07
CA PRO B 149 -6.46 -14.87 4.29
C PRO B 149 -5.42 -13.95 3.69
N ALA B 150 -4.14 -14.30 3.81
CA ALA B 150 -3.09 -13.47 3.22
C ALA B 150 -3.27 -13.38 1.69
N ILE B 151 -3.61 -14.51 1.07
CA ILE B 151 -3.83 -14.57 -0.37
C ILE B 151 -5.07 -13.78 -0.77
N SER B 152 -6.14 -13.88 0.01
CA SER B 152 -7.38 -13.17 -0.32
C SER B 152 -7.19 -11.66 -0.21
N ALA B 153 -6.56 -11.21 0.88
CA ALA B 153 -6.21 -9.81 1.02
C ALA B 153 -5.35 -9.34 -0.14
N MET B 154 -4.32 -10.10 -0.52
CA MET B 154 -3.49 -9.71 -1.66
C MET B 154 -4.29 -9.67 -2.95
N ALA B 155 -5.21 -10.62 -3.14
CA ALA B 155 -6.04 -10.62 -4.34
C ALA B 155 -6.83 -9.32 -4.43
N GLU B 156 -7.38 -8.85 -3.30
CA GLU B 156 -8.20 -7.65 -3.38
C GLU B 156 -7.46 -6.43 -3.96
N VAL B 157 -6.14 -6.34 -3.85
CA VAL B 157 -5.42 -5.22 -4.44
C VAL B 157 -4.46 -5.69 -5.56
N MET B 158 -4.65 -6.91 -6.11
CA MET B 158 -3.83 -7.40 -7.22
C MET B 158 -4.12 -6.59 -8.49
N PRO B 159 -3.08 -6.28 -9.25
CA PRO B 159 -3.29 -5.56 -10.53
C PRO B 159 -4.16 -6.34 -11.50
N ALA B 160 -5.22 -5.69 -12.01
CA ALA B 160 -6.21 -6.37 -12.85
C ALA B 160 -5.60 -7.11 -14.05
N ASP B 161 -4.42 -6.69 -14.53
CA ASP B 161 -3.72 -7.38 -15.62
C ASP B 161 -2.70 -8.40 -15.12
N ALA B 162 -2.79 -8.82 -13.87
CA ALA B 162 -1.82 -9.76 -13.33
C ALA B 162 -1.91 -11.11 -14.03
N ARG B 163 -0.77 -11.77 -14.18
CA ARG B 163 -0.75 -13.14 -14.68
C ARG B 163 -0.12 -14.07 -13.66
N GLY B 164 -0.45 -15.35 -13.76
CA GLY B 164 0.27 -16.36 -12.99
C GLY B 164 -0.66 -17.42 -12.43
N HIS B 165 -0.20 -18.09 -11.37
CA HIS B 165 -0.88 -19.28 -10.86
C HIS B 165 -0.95 -19.29 -9.35
N ILE B 166 -2.10 -19.69 -8.82
CA ILE B 166 -2.33 -19.90 -7.40
C ILE B 166 -2.70 -21.36 -7.15
N ALA B 167 -1.99 -22.02 -6.23
CA ALA B 167 -2.31 -23.40 -5.81
C ALA B 167 -2.56 -23.46 -4.32
N LEU B 168 -3.75 -23.97 -3.95
CA LEU B 168 -4.18 -24.06 -2.55
C LEU B 168 -4.45 -25.51 -2.14
N LEU B 169 -3.87 -25.90 -1.00
CA LEU B 169 -4.03 -27.22 -0.40
C LEU B 169 -4.94 -27.10 0.82
N VAL B 170 -6.19 -27.55 0.69
CA VAL B 170 -7.13 -27.45 1.81
C VAL B 170 -7.34 -28.85 2.39
N PRO B 171 -7.70 -28.98 3.68
CA PRO B 171 -7.88 -30.31 4.27
C PRO B 171 -9.18 -30.98 3.85
N TYR B 172 -10.19 -30.22 3.45
CA TYR B 172 -11.48 -30.76 3.06
C TYR B 172 -11.95 -30.14 1.76
N GLN B 173 -12.64 -30.93 0.95
CA GLN B 173 -13.30 -30.46 -0.25
C GLN B 173 -14.39 -29.44 0.06
N GLU B 174 -14.91 -29.39 1.28
CA GLU B 174 -15.93 -28.39 1.54
C GLU B 174 -15.34 -27.06 2.03
N ASP B 175 -14.02 -26.94 2.12
CA ASP B 175 -13.39 -25.63 2.26
C ASP B 175 -12.79 -25.10 0.96
N VAL B 176 -13.21 -25.65 -0.18
CA VAL B 176 -13.01 -25.00 -1.46
C VAL B 176 -14.01 -23.87 -1.58
N GLN B 177 -13.51 -22.65 -1.79
CA GLN B 177 -14.33 -21.45 -1.71
C GLN B 177 -13.93 -20.47 -2.80
N ASP B 178 -14.78 -19.47 -3.00
CA ASP B 178 -14.58 -18.56 -4.11
C ASP B 178 -13.71 -17.36 -3.75
N LEU B 179 -12.86 -16.99 -4.71
CA LEU B 179 -11.73 -16.10 -4.51
C LEU B 179 -11.59 -15.32 -5.82
N SER B 180 -12.19 -14.13 -5.88
CA SER B 180 -12.20 -13.37 -7.12
C SER B 180 -10.77 -12.96 -7.49
N LEU B 181 -10.35 -13.32 -8.70
CA LEU B 181 -8.98 -13.12 -9.17
C LEU B 181 -8.93 -12.28 -10.43
N PRO B 182 -7.78 -11.69 -10.75
CA PRO B 182 -7.59 -11.14 -12.09
C PRO B 182 -7.76 -12.22 -13.17
N ALA B 183 -8.19 -11.77 -14.35
CA ALA B 183 -8.63 -12.66 -15.43
C ALA B 183 -7.53 -13.62 -15.86
N GLY B 184 -6.27 -13.18 -15.79
CA GLY B 184 -5.15 -14.00 -16.21
C GLY B 184 -4.44 -14.76 -15.13
N VAL B 185 -4.97 -14.85 -13.93
CA VAL B 185 -4.36 -15.66 -12.88
C VAL B 185 -5.16 -16.94 -12.73
N THR B 186 -4.45 -18.07 -12.73
CA THR B 186 -5.07 -19.38 -12.61
C THR B 186 -5.19 -19.82 -11.15
N LEU B 187 -6.28 -20.50 -10.81
CA LEU B 187 -6.53 -20.99 -9.45
C LEU B 187 -6.94 -22.45 -9.48
N ARG B 188 -6.14 -23.30 -8.84
CA ARG B 188 -6.45 -24.72 -8.72
C ARG B 188 -6.36 -25.16 -7.27
N TRP B 189 -7.37 -25.92 -6.83
CA TRP B 189 -7.47 -26.43 -5.47
C TRP B 189 -6.97 -27.87 -5.36
N PHE B 190 -6.35 -28.18 -4.23
CA PHE B 190 -5.89 -29.53 -3.91
C PHE B 190 -6.46 -29.91 -2.55
N VAL B 191 -7.34 -30.90 -2.52
CA VAL B 191 -7.87 -31.44 -1.26
C VAL B 191 -7.02 -32.62 -0.82
N GLY B 192 -6.60 -32.61 0.43
CA GLY B 192 -5.66 -33.58 0.98
C GLY B 192 -5.20 -33.12 2.35
N SER B 193 -4.59 -34.04 3.07
CA SER B 193 -4.03 -33.76 4.38
C SER B 193 -2.72 -33.00 4.25
N PRO B 194 -2.25 -32.37 5.32
CA PRO B 194 -0.96 -31.65 5.25
C PRO B 194 0.21 -32.50 4.79
N GLU B 195 0.09 -33.83 4.90
CA GLU B 195 1.20 -34.70 4.52
C GLU B 195 1.21 -34.98 3.02
N GLU B 196 0.04 -34.98 2.37
CA GLU B 196 -0.06 -35.19 0.93
C GLU B 196 0.29 -33.92 0.13
N THR B 197 1.49 -33.40 0.39
CA THR B 197 2.11 -32.36 -0.43
C THR B 197 2.71 -32.99 -1.69
N ALA B 198 1.83 -33.54 -2.55
CA ALA B 198 2.43 -34.29 -3.64
C ALA B 198 1.74 -34.00 -4.97
N PRO B 199 0.40 -34.07 -5.07
CA PRO B 199 -0.22 -33.61 -6.32
C PRO B 199 0.05 -32.14 -6.60
N LEU B 200 -0.14 -31.28 -5.58
CA LEU B 200 0.13 -29.84 -5.72
C LEU B 200 1.59 -29.55 -6.03
N VAL B 201 2.52 -30.15 -5.28
CA VAL B 201 3.91 -29.79 -5.51
C VAL B 201 4.38 -30.24 -6.88
N GLU B 202 3.94 -31.43 -7.31
CA GLU B 202 4.23 -31.89 -8.66
C GLU B 202 3.68 -30.92 -9.70
N TYR B 203 2.42 -30.50 -9.53
CA TYR B 203 1.80 -29.63 -10.53
C TYR B 203 2.52 -28.28 -10.60
N PHE B 204 2.89 -27.73 -9.44
CA PHE B 204 3.53 -26.41 -9.45
C PHE B 204 4.96 -26.50 -9.96
N THR B 205 5.66 -27.59 -9.69
CA THR B 205 6.99 -27.77 -10.27
C THR B 205 6.91 -28.04 -11.77
N SER B 206 5.76 -28.51 -12.26
CA SER B 206 5.59 -28.72 -13.70
C SER B 206 5.38 -27.42 -14.48
N LEU B 207 4.74 -26.40 -13.88
CA LEU B 207 4.30 -25.25 -14.65
C LEU B 207 5.49 -24.39 -15.10
N PRO B 208 5.36 -23.73 -16.25
CA PRO B 208 6.39 -22.76 -16.66
C PRO B 208 6.30 -21.50 -15.83
N LEU B 209 7.44 -21.02 -15.36
CA LEU B 209 7.49 -19.88 -14.47
C LEU B 209 8.40 -18.82 -15.07
N GLU B 210 7.95 -17.57 -14.99
CA GLU B 210 8.76 -16.42 -15.38
C GLU B 210 9.67 -16.04 -14.22
N GLU B 211 10.95 -15.79 -14.52
CA GLU B 211 11.85 -15.29 -13.50
C GLU B 211 12.05 -13.78 -13.57
N GLN B 212 11.56 -13.11 -14.61
CA GLN B 212 11.65 -11.66 -14.68
C GLN B 212 10.28 -11.04 -14.46
N GLN B 213 10.24 -9.99 -13.64
CA GLN B 213 9.00 -9.27 -13.36
C GLN B 213 7.94 -10.21 -12.78
N SER B 214 8.31 -10.91 -11.72
CA SER B 214 7.42 -11.88 -11.12
C SER B 214 7.56 -11.85 -9.59
N TYR B 215 6.58 -12.45 -8.92
CA TYR B 215 6.55 -12.50 -7.46
C TYR B 215 6.14 -13.90 -7.05
N PHE B 216 6.96 -14.53 -6.24
CA PHE B 216 6.67 -15.86 -5.72
C PHE B 216 6.24 -15.69 -4.27
N TRP B 217 5.11 -16.29 -3.92
CA TRP B 217 4.59 -16.17 -2.57
C TRP B 217 4.25 -17.56 -2.09
N PHE B 218 5.00 -18.07 -1.12
CA PHE B 218 4.76 -19.40 -0.55
C PHE B 218 4.53 -19.23 0.93
N GLY B 219 3.39 -19.74 1.41
CA GLY B 219 3.02 -19.58 2.79
C GLY B 219 2.31 -20.82 3.30
N GLY B 220 2.20 -20.88 4.61
CA GLY B 220 1.46 -21.96 5.20
C GLY B 220 2.34 -23.05 5.78
N GLU B 221 1.96 -24.30 5.50
CA GLU B 221 2.53 -25.42 6.23
C GLU B 221 4.01 -25.61 5.93
N GLU B 222 4.67 -26.39 6.79
CA GLU B 222 6.10 -26.69 6.66
C GLU B 222 6.43 -27.24 5.26
N GLY B 223 5.69 -28.27 4.83
CA GLY B 223 6.01 -29.05 3.64
C GLY B 223 5.57 -28.47 2.33
N LEU B 224 5.24 -27.17 2.31
CA LEU B 224 4.89 -26.47 1.09
C LEU B 224 5.86 -25.34 0.81
N VAL B 225 6.20 -24.57 1.83
CA VAL B 225 7.05 -23.40 1.64
C VAL B 225 8.44 -23.81 1.16
N VAL B 226 9.01 -24.84 1.79
CA VAL B 226 10.41 -25.21 1.57
C VAL B 226 10.58 -26.00 0.27
N PRO B 227 9.73 -26.99 -0.06
CA PRO B 227 9.88 -27.63 -1.38
C PRO B 227 9.84 -26.62 -2.52
N MET B 228 8.87 -25.70 -2.50
CA MET B 228 8.79 -24.65 -3.51
C MET B 228 9.96 -23.69 -3.45
N ARG B 229 10.50 -23.40 -2.26
CA ARG B 229 11.60 -22.42 -2.19
C ARG B 229 12.90 -22.98 -2.73
N ARG B 230 13.16 -24.28 -2.54
CA ARG B 230 14.33 -24.84 -3.21
C ARG B 230 14.04 -25.12 -4.68
N HIS B 231 12.77 -25.36 -5.04
CA HIS B 231 12.41 -25.42 -6.46
C HIS B 231 12.71 -24.11 -7.19
N VAL B 232 12.53 -22.97 -6.53
CA VAL B 232 12.72 -21.70 -7.23
C VAL B 232 14.19 -21.30 -7.29
N ARG B 233 15.01 -21.68 -6.30
CA ARG B 233 16.44 -21.37 -6.29
C ARG B 233 17.25 -22.56 -6.79
N ARG B 234 16.57 -23.50 -7.43
CA ARG B 234 17.22 -24.54 -8.22
C ARG B 234 17.03 -24.24 -9.71
N THR B 235 15.77 -24.14 -10.14
CA THR B 235 15.40 -24.07 -11.55
C THR B 235 15.47 -22.66 -12.14
N LEU B 236 15.77 -21.65 -11.32
CA LEU B 236 15.55 -20.28 -11.73
C LEU B 236 16.51 -19.38 -10.97
N GLU B 237 16.73 -18.19 -11.52
CA GLU B 237 17.57 -17.17 -10.90
C GLU B 237 16.71 -15.94 -10.62
N VAL B 238 16.11 -15.90 -9.43
CA VAL B 238 15.30 -14.77 -8.98
C VAL B 238 15.88 -14.27 -7.65
N ASP B 239 15.67 -12.99 -7.37
CA ASP B 239 16.40 -12.28 -6.33
C ASP B 239 15.82 -12.53 -4.92
N ARG B 240 16.57 -12.06 -3.91
CA ARG B 240 16.10 -12.04 -2.53
C ARG B 240 14.69 -11.49 -2.45
N THR B 241 14.43 -10.37 -3.12
CA THR B 241 13.27 -9.56 -2.80
C THR B 241 11.99 -10.10 -3.38
N ARG B 242 12.06 -10.99 -4.37
CA ARG B 242 10.89 -11.47 -5.09
C ARG B 242 10.53 -12.91 -4.75
N VAL B 243 11.03 -13.43 -3.63
CA VAL B 243 10.64 -14.74 -3.13
C VAL B 243 10.24 -14.59 -1.67
N TYR B 244 8.93 -14.63 -1.40
CA TYR B 244 8.38 -14.68 -0.06
C TYR B 244 8.06 -16.14 0.22
N ALA B 245 8.90 -16.79 1.00
CA ALA B 245 8.66 -18.18 1.39
C ALA B 245 8.76 -18.22 2.91
N VAL B 246 7.60 -18.19 3.57
CA VAL B 246 7.50 -18.12 5.02
C VAL B 246 6.60 -19.27 5.47
N PRO B 247 7.13 -20.30 6.13
CA PRO B 247 6.27 -21.34 6.70
C PRO B 247 5.43 -20.75 7.82
N TYR B 248 4.12 -20.94 7.71
CA TYR B 248 3.23 -20.40 8.74
C TYR B 248 3.17 -21.29 9.96
N TRP B 249 3.50 -22.57 9.83
CA TRP B 249 3.54 -23.48 10.96
C TRP B 249 4.42 -24.68 10.62
N ARG B 250 4.31 -25.73 11.42
CA ARG B 250 5.15 -26.92 11.29
C ARG B 250 4.33 -28.09 11.81
N HIS B 251 3.97 -29.04 10.94
CA HIS B 251 3.08 -30.14 11.30
C HIS B 251 3.54 -30.88 12.55
PA FAD C . 11.29 25.08 -7.13
O1A FAD C . 12.61 25.53 -6.61
O2A FAD C . 10.16 24.96 -6.09
O5B FAD C . 10.65 26.03 -8.27
C5B FAD C . 11.43 26.50 -9.40
C4B FAD C . 10.55 26.89 -10.57
O4B FAD C . 10.15 25.71 -11.30
C3B FAD C . 9.27 27.66 -10.27
O3B FAD C . 9.01 28.60 -11.31
C2B FAD C . 8.21 26.55 -10.23
O2B FAD C . 6.89 26.96 -10.57
C1B FAD C . 8.73 25.58 -11.29
N9A FAD C . 8.44 24.21 -11.00
C8A FAD C . 8.51 23.59 -9.78
N7A FAD C . 8.22 22.31 -9.81
C5A FAD C . 7.96 22.06 -11.15
C6A FAD C . 7.59 20.90 -11.84
N6A FAD C . 7.47 19.71 -11.26
N1A FAD C . 7.39 21.00 -13.18
C2A FAD C . 7.54 22.20 -13.77
N3A FAD C . 7.89 23.37 -13.21
C4A FAD C . 8.09 23.23 -11.89
N1 FAD C . 6.56 16.96 -7.04
C2 FAD C . 7.12 15.86 -7.63
O2 FAD C . 7.87 15.96 -8.61
N3 FAD C . 6.85 14.60 -7.15
C4 FAD C . 6.04 14.29 -6.08
O4 FAD C . 5.89 13.12 -5.73
C4X FAD C . 5.46 15.46 -5.43
N5 FAD C . 4.67 15.27 -4.39
C5X FAD C . 4.11 16.38 -3.80
C6 FAD C . 3.26 16.20 -2.72
C7 FAD C . 2.66 17.28 -2.09
C7M FAD C . 1.76 17.03 -0.90
C8 FAD C . 2.92 18.58 -2.54
C8M FAD C . 2.31 19.79 -1.86
C9 FAD C . 3.78 18.76 -3.62
C9A FAD C . 4.38 17.68 -4.25
N10 FAD C . 5.22 17.85 -5.37
C10 FAD C . 5.78 16.75 -6.00
C1' FAD C . 5.48 19.19 -5.91
C2' FAD C . 6.91 19.70 -5.66
O2' FAD C . 7.13 20.02 -4.29
C3' FAD C . 7.15 20.93 -6.53
O3' FAD C . 7.27 20.51 -7.89
C4' FAD C . 8.37 21.76 -6.16
O4' FAD C . 8.17 23.10 -6.60
C5' FAD C . 9.64 21.17 -6.73
O5' FAD C . 10.77 21.88 -6.21
P FAD C . 11.97 22.32 -7.14
O1P FAD C . 13.12 22.68 -6.19
O2P FAD C . 12.29 21.32 -8.16
O3P FAD C . 11.43 23.65 -7.82
PA FAD D . -0.23 -24.25 18.26
O1A FAD D . 0.73 -23.17 17.94
O2A FAD D . -0.42 -24.56 19.78
O5B FAD D . 0.20 -25.57 17.53
C5B FAD D . -0.15 -26.87 18.06
C4B FAD D . -0.21 -27.88 16.95
O4B FAD D . -1.39 -27.68 16.15
C3B FAD D . 0.92 -27.87 15.92
O3B FAD D . 2.06 -28.55 16.41
C2B FAD D . 0.28 -28.57 14.71
O2B FAD D . 0.72 -29.92 14.60
C1B FAD D . -1.23 -28.50 15.00
N9A FAD D . -2.07 -27.98 13.92
C8A FAD D . -3.02 -28.70 13.22
N7A FAD D . -3.63 -28.00 12.28
C5A FAD D . -3.04 -26.75 12.36
C6A FAD D . -3.24 -25.55 11.65
N6A FAD D . -4.14 -25.42 10.66
N1A FAD D . -2.49 -24.49 11.98
C2A FAD D . -1.60 -24.61 12.97
N3A FAD D . -1.31 -25.68 13.72
C4A FAD D . -2.08 -26.72 13.37
N1 FAD D . -3.34 -19.10 10.82
C2 FAD D . -4.66 -18.84 10.65
O2 FAD D . -5.53 -19.65 10.94
N3 FAD D . -5.05 -17.61 10.12
C4 FAD D . -4.22 -16.59 9.75
O4 FAD D . -4.69 -15.55 9.32
C4X FAD D . -2.80 -16.89 9.93
N5 FAD D . -1.91 -15.98 9.59
C5X FAD D . -0.56 -16.29 9.78
C6 FAD D . 0.42 -15.34 9.43
C7 FAD D . 1.77 -15.61 9.60
C7M FAD D . 2.79 -14.56 9.22
C8 FAD D . 2.17 -16.84 10.14
C8M FAD D . 3.62 -17.16 10.34
C9 FAD D . 1.20 -17.77 10.49
C9A FAD D . -0.14 -17.51 10.31
N10 FAD D . -1.13 -18.45 10.64
C10 FAD D . -2.46 -18.18 10.48
C1' FAD D . -0.75 -19.76 11.20
C2' FAD D . -0.86 -19.82 12.72
O2' FAD D . 0.36 -19.40 13.35
C3' FAD D . -1.19 -21.25 13.12
O3' FAD D . -2.57 -21.51 12.85
C4' FAD D . -0.92 -21.56 14.60
O4' FAD D . 0.21 -22.43 14.68
C5' FAD D . -2.14 -22.16 15.26
O5' FAD D . -2.23 -21.70 16.62
P FAD D . -2.68 -22.67 17.77
O1P FAD D . -2.34 -21.89 19.05
O2P FAD D . -4.09 -23.12 17.47
O3P FAD D . -1.66 -23.94 17.63
#